data_3GWW
#
_entry.id   3GWW
#
_cell.length_a   86.353
_cell.length_b   86.284
_cell.length_c   80.624
_cell.angle_alpha   90.000
_cell.angle_beta   95.160
_cell.angle_gamma   90.000
#
_symmetry.space_group_name_H-M   'C 1 2 1'
#
loop_
_entity.id
_entity.type
_entity.pdbx_description
1 polymer Transporter
2 non-polymer 'SODIUM ION'
3 non-polymer LEUCINE
4 non-polymer (3S)-N-methyl-3-phenyl-3-[4-(trifluoromethyl)phenoxy]propan-1-amine
5 water water
#
_entity_poly.entity_id   1
_entity_poly.type   'polypeptide(L)'
_entity_poly.pdbx_seq_one_letter_code
;MEVKREHWATRLGLILAMAGNAVGLGNFLRFPVQAAENGGGAFMIPYIIAFLLVGIPLMWIEWAMGRYGGAQGHGTTPAI
FYLLWRNRFAKILGVFGLWIPLVVAIYYVYIESWTLGFAIKFLVGLVPEPPPNATDPDSILRPFKEFLYSYIGVPKGDEP
ILKPSLFAYIVFLITMFINVSILIRGISKGIERFAKIAMPTLFILAVFLVIRVFLLETPNGTAADGLNFLWTPDFEKLKD
PGVWIAAVGQIFFTLSLGFGAIITYASYVRKDQDIVLSGLTAATLNEKAEVILGGSISIPAAVAFFGVANAVAIAKAGAF
NLGFITLPAIFSQTAGGTFLGFLWFFLLFFAGLTSSIAIMQPMIAFLEDELKLSRKHAVLWTAAIVFFSAHLVMFLNKSL
DEMDFWAGTIGVVFFGLTELIIFFWIFGADKAWEEINRGGIIKVPRIYYYVMRYITPAFLAVLLVVWAREYIPKIMEETH
WTVWITRFYIIGLFLFLTFLVFLAERRRNHESAGT
;
_entity_poly.pdbx_strand_id   A
#
loop_
_chem_comp.id
_chem_comp.type
_chem_comp.name
_chem_comp.formula
NA non-polymer 'SODIUM ION' 'Na 1'
SFX non-polymer (3S)-N-methyl-3-phenyl-3-[4-(trifluoromethyl)phenoxy]propan-1-amine 'C17 H18 F3 N O'
#
# COMPACT_ATOMS: atom_id res chain seq x y z
N ARG A 5 -5.11 18.15 -20.63
CA ARG A 5 -4.75 17.17 -19.56
C ARG A 5 -3.74 16.14 -20.04
N GLU A 6 -2.88 15.69 -19.12
CA GLU A 6 -2.00 14.54 -19.35
C GLU A 6 -2.82 13.26 -19.54
N HIS A 7 -2.37 12.41 -20.46
CA HIS A 7 -3.00 11.11 -20.67
C HIS A 7 -1.96 10.01 -20.77
N TRP A 8 -2.37 8.78 -20.46
CA TRP A 8 -1.51 7.61 -20.66
C TRP A 8 -1.31 7.37 -22.15
N ALA A 9 -0.06 7.15 -22.56
CA ALA A 9 0.27 6.96 -23.98
C ALA A 9 -0.24 5.63 -24.53
N THR A 10 0.12 4.53 -23.88
CA THR A 10 -0.25 3.19 -24.36
C THR A 10 -1.20 2.48 -23.39
N ARG A 11 -1.90 1.48 -23.90
CA ARG A 11 -2.77 0.61 -23.11
C ARG A 11 -1.97 -0.22 -22.10
N LEU A 12 -0.89 -0.85 -22.57
CA LEU A 12 -0.01 -1.65 -21.71
C LEU A 12 0.66 -0.80 -20.63
N GLY A 13 1.03 0.42 -21.00
CA GLY A 13 1.61 1.38 -20.07
C GLY A 13 0.66 1.74 -18.94
N LEU A 14 -0.61 1.93 -19.28
CA LEU A 14 -1.66 2.15 -18.29
C LEU A 14 -1.80 0.96 -17.33
N ILE A 15 -1.88 -0.26 -17.89
CA ILE A 15 -2.04 -1.47 -17.08
C ILE A 15 -0.87 -1.67 -16.13
N LEU A 16 0.34 -1.51 -16.66
CA LEU A 16 1.56 -1.71 -15.87
C LEU A 16 1.75 -0.64 -14.78
N ALA A 17 1.31 0.58 -15.06
CA ALA A 17 1.39 1.67 -14.08
C ALA A 17 0.40 1.45 -12.94
N MET A 18 -0.80 1.00 -13.30
CA MET A 18 -1.85 0.67 -12.35
C MET A 18 -1.48 -0.56 -11.51
N ALA A 19 -0.89 -1.56 -12.16
CA ALA A 19 -0.40 -2.74 -11.45
C ALA A 19 0.79 -2.37 -10.56
N GLY A 20 1.63 -1.44 -11.02
CA GLY A 20 2.74 -0.90 -10.22
C GLY A 20 2.26 -0.11 -9.01
N ASN A 21 1.13 0.57 -9.17
CA ASN A 21 0.41 1.20 -8.07
C ASN A 21 0.08 0.17 -6.98
N ALA A 22 -0.61 -0.90 -7.37
CA ALA A 22 -1.05 -1.95 -6.43
C ALA A 22 0.08 -2.88 -5.95
N VAL A 23 0.84 -3.46 -6.87
CA VAL A 23 1.92 -4.39 -6.53
C VAL A 23 3.04 -3.61 -5.83
N GLY A 24 3.08 -3.73 -4.51
CA GLY A 24 4.03 -2.97 -3.72
C GLY A 24 4.57 -3.74 -2.54
N LEU A 25 5.01 -3.00 -1.52
CA LEU A 25 5.56 -3.58 -0.30
C LEU A 25 4.52 -4.41 0.45
N GLY A 26 3.24 -4.12 0.22
CA GLY A 26 2.14 -4.85 0.84
C GLY A 26 2.08 -6.30 0.41
N ASN A 27 2.46 -6.55 -0.84
CA ASN A 27 2.48 -7.91 -1.41
C ASN A 27 3.50 -8.83 -0.76
N PHE A 28 4.64 -8.26 -0.37
CA PHE A 28 5.78 -9.05 0.06
C PHE A 28 6.09 -8.94 1.55
N LEU A 29 5.57 -7.90 2.19
CA LEU A 29 5.83 -7.69 3.62
C LEU A 29 4.57 -7.73 4.49
N ARG A 30 3.52 -7.03 4.07
CA ARG A 30 2.29 -6.96 4.86
C ARG A 30 1.47 -8.26 4.78
N PHE A 31 1.22 -8.74 3.56
CA PHE A 31 0.42 -9.95 3.34
C PHE A 31 0.92 -11.21 4.07
N PRO A 32 2.22 -11.54 3.96
CA PRO A 32 2.72 -12.71 4.67
C PRO A 32 2.51 -12.63 6.18
N VAL A 33 2.75 -11.46 6.76
CA VAL A 33 2.56 -11.24 8.20
C VAL A 33 1.09 -11.42 8.60
N GLN A 34 0.19 -10.76 7.87
CA GLN A 34 -1.25 -10.86 8.13
C GLN A 34 -1.76 -12.30 8.06
N ALA A 35 -1.32 -13.04 7.04
CA ALA A 35 -1.74 -14.44 6.84
C ALA A 35 -1.19 -15.37 7.93
N ALA A 36 0.10 -15.25 8.23
CA ALA A 36 0.75 -16.07 9.25
C ALA A 36 0.13 -15.87 10.64
N GLU A 37 -0.22 -14.63 10.95
CA GLU A 37 -0.84 -14.26 12.23
C GLU A 37 -2.30 -14.69 12.33
N ASN A 38 -2.90 -15.06 11.21
CA ASN A 38 -4.33 -15.36 11.16
C ASN A 38 -4.63 -16.78 10.66
N GLY A 39 -3.77 -17.73 11.05
CA GLY A 39 -3.97 -19.15 10.76
C GLY A 39 -3.85 -19.56 9.31
N GLY A 40 -2.98 -18.89 8.56
CA GLY A 40 -2.66 -19.24 7.17
C GLY A 40 -3.87 -19.35 6.26
N GLY A 41 -4.38 -20.57 6.11
CA GLY A 41 -5.56 -20.84 5.29
C GLY A 41 -6.86 -20.33 5.91
N ALA A 42 -6.83 -20.10 7.22
CA ALA A 42 -7.95 -19.49 7.95
C ALA A 42 -8.14 -18.05 7.53
N PHE A 43 -7.05 -17.42 7.12
CA PHE A 43 -7.04 -16.03 6.65
C PHE A 43 -7.52 -15.94 5.21
N MET A 44 -7.17 -16.95 4.41
CA MET A 44 -7.38 -16.93 2.96
C MET A 44 -8.83 -16.91 2.52
N ILE A 45 -9.68 -17.63 3.26
CA ILE A 45 -11.11 -17.66 2.94
C ILE A 45 -11.73 -16.25 3.02
N PRO A 46 -11.63 -15.59 4.19
CA PRO A 46 -12.06 -14.19 4.27
C PRO A 46 -11.39 -13.29 3.23
N TYR A 47 -10.12 -13.55 2.94
CA TYR A 47 -9.34 -12.78 1.96
C TYR A 47 -9.92 -12.90 0.56
N ILE A 48 -10.19 -14.14 0.11
CA ILE A 48 -10.79 -14.39 -1.20
C ILE A 48 -12.19 -13.77 -1.28
N ILE A 49 -12.98 -14.01 -0.25
CA ILE A 49 -14.33 -13.46 -0.17
C ILE A 49 -14.31 -11.92 -0.27
N ALA A 50 -13.41 -11.30 0.52
CA ALA A 50 -13.28 -9.84 0.51
C ALA A 50 -12.82 -9.30 -0.84
N PHE A 51 -11.97 -10.07 -1.52
CA PHE A 51 -11.53 -9.70 -2.86
C PHE A 51 -12.69 -9.67 -3.85
N LEU A 52 -13.56 -10.69 -3.78
CA LEU A 52 -14.72 -10.79 -4.67
C LEU A 52 -15.83 -9.79 -4.34
N LEU A 53 -16.02 -9.52 -3.05
CA LEU A 53 -17.13 -8.68 -2.59
C LEU A 53 -16.79 -7.21 -2.29
N VAL A 54 -15.50 -6.92 -2.09
CA VAL A 54 -15.07 -5.55 -1.77
C VAL A 54 -14.02 -5.03 -2.78
N GLY A 55 -12.97 -5.81 -2.99
CA GLY A 55 -11.84 -5.40 -3.81
C GLY A 55 -12.19 -5.11 -5.25
N ILE A 56 -12.81 -6.09 -5.91
CA ILE A 56 -13.23 -5.97 -7.30
C ILE A 56 -14.21 -4.79 -7.53
N PRO A 57 -15.35 -4.76 -6.80
CA PRO A 57 -16.31 -3.66 -7.02
C PRO A 57 -15.76 -2.25 -6.81
N LEU A 58 -14.98 -2.05 -5.74
CA LEU A 58 -14.38 -0.75 -5.46
C LEU A 58 -13.30 -0.32 -6.45
N MET A 59 -12.60 -1.31 -7.02
CA MET A 59 -11.63 -1.06 -8.08
C MET A 59 -12.32 -0.40 -9.28
N TRP A 60 -13.42 -1.00 -9.75
CA TRP A 60 -14.19 -0.43 -10.86
C TRP A 60 -14.78 0.94 -10.51
N ILE A 61 -15.29 1.07 -9.29
CA ILE A 61 -15.84 2.33 -8.80
C ILE A 61 -14.81 3.47 -8.80
N GLU A 62 -13.58 3.17 -8.36
CA GLU A 62 -12.51 4.17 -8.34
C GLU A 62 -12.00 4.55 -9.73
N TRP A 63 -11.91 3.57 -10.62
CA TRP A 63 -11.58 3.82 -12.03
C TRP A 63 -12.65 4.71 -12.67
N ALA A 64 -13.92 4.41 -12.35
CA ALA A 64 -15.05 5.18 -12.85
C ALA A 64 -14.98 6.64 -12.41
N MET A 65 -14.79 6.86 -11.12
CA MET A 65 -14.71 8.21 -10.56
C MET A 65 -13.54 9.01 -11.12
N GLY A 66 -12.40 8.35 -11.29
CA GLY A 66 -11.20 8.98 -11.84
C GLY A 66 -11.38 9.47 -13.26
N ARG A 67 -11.79 8.55 -14.15
CA ARG A 67 -12.05 8.87 -15.55
C ARG A 67 -13.13 9.95 -15.71
N TYR A 68 -14.19 9.83 -14.92
CA TYR A 68 -15.25 10.84 -14.89
C TYR A 68 -14.70 12.21 -14.48
N GLY A 69 -13.84 12.20 -13.45
CA GLY A 69 -13.21 13.41 -12.95
C GLY A 69 -12.25 14.04 -13.94
N GLY A 70 -11.36 13.21 -14.50
CA GLY A 70 -10.34 13.67 -15.45
C GLY A 70 -10.91 14.31 -16.70
N ALA A 71 -12.04 13.80 -17.16
CA ALA A 71 -12.73 14.33 -18.35
C ALA A 71 -13.11 15.81 -18.17
N GLN A 72 -13.30 16.22 -16.92
CA GLN A 72 -13.65 17.60 -16.58
C GLN A 72 -12.46 18.38 -15.98
N GLY A 73 -11.28 17.76 -16.00
CA GLY A 73 -10.05 18.42 -15.56
C GLY A 73 -9.69 18.29 -14.08
N HIS A 74 -10.29 17.31 -13.40
CA HIS A 74 -10.06 17.13 -11.97
C HIS A 74 -9.58 15.72 -11.59
N GLY A 75 -8.40 15.64 -10.99
CA GLY A 75 -7.81 14.36 -10.64
C GLY A 75 -8.05 13.82 -9.23
N THR A 76 -8.48 14.69 -8.32
CA THR A 76 -8.56 14.32 -6.89
C THR A 76 -9.95 14.45 -6.29
N THR A 77 -10.14 13.83 -5.13
CA THR A 77 -11.45 13.67 -4.50
C THR A 77 -12.16 14.93 -3.97
N PRO A 78 -11.42 15.96 -3.50
CA PRO A 78 -12.13 17.18 -3.14
C PRO A 78 -13.04 17.69 -4.26
N ALA A 79 -12.49 17.77 -5.47
CA ALA A 79 -13.23 18.22 -6.64
C ALA A 79 -14.21 17.16 -7.18
N ILE A 80 -13.73 15.91 -7.27
CA ILE A 80 -14.53 14.80 -7.80
C ILE A 80 -15.78 14.50 -6.94
N PHE A 81 -15.62 14.50 -5.62
CA PHE A 81 -16.74 14.33 -4.69
C PHE A 81 -17.78 15.44 -4.84
N TYR A 82 -17.32 16.65 -5.16
CA TYR A 82 -18.20 17.79 -5.38
C TYR A 82 -18.94 17.66 -6.71
N LEU A 83 -18.26 17.13 -7.72
CA LEU A 83 -18.86 16.86 -9.02
C LEU A 83 -19.99 15.84 -8.92
N LEU A 84 -19.81 14.85 -8.05
CA LEU A 84 -20.81 13.79 -7.84
C LEU A 84 -21.89 14.22 -6.87
N TRP A 85 -21.56 15.17 -6.01
CA TRP A 85 -22.47 15.67 -4.98
C TRP A 85 -22.19 17.15 -4.74
N ARG A 86 -23.01 18.00 -5.35
CA ARG A 86 -22.82 19.46 -5.31
C ARG A 86 -23.12 20.03 -3.93
N ASN A 87 -22.28 19.68 -2.98
CA ASN A 87 -22.45 20.04 -1.58
C ASN A 87 -21.09 20.40 -0.97
N ARG A 88 -21.10 21.43 -0.13
CA ARG A 88 -19.90 21.89 0.59
C ARG A 88 -19.22 20.76 1.38
N PHE A 89 -20.03 19.91 1.99
CA PHE A 89 -19.54 18.79 2.81
C PHE A 89 -18.81 17.72 1.99
N ALA A 90 -19.13 17.63 0.70
CA ALA A 90 -18.46 16.70 -0.20
C ALA A 90 -16.99 17.07 -0.41
N LYS A 91 -16.71 18.38 -0.47
CA LYS A 91 -15.35 18.89 -0.57
C LYS A 91 -14.51 18.53 0.66
N ILE A 92 -15.13 18.58 1.84
CA ILE A 92 -14.45 18.29 3.10
C ILE A 92 -14.16 16.79 3.25
N LEU A 93 -15.14 15.95 2.94
CA LEU A 93 -14.94 14.51 2.87
C LEU A 93 -13.86 14.15 1.84
N GLY A 94 -13.83 14.91 0.75
CA GLY A 94 -12.84 14.73 -0.32
C GLY A 94 -11.40 14.93 0.13
N VAL A 95 -11.20 15.67 1.21
CA VAL A 95 -9.86 15.93 1.77
C VAL A 95 -9.18 14.62 2.19
N PHE A 96 -9.96 13.66 2.68
CA PHE A 96 -9.43 12.34 3.05
C PHE A 96 -8.68 11.68 1.89
N GLY A 97 -9.15 11.90 0.66
CA GLY A 97 -8.49 11.38 -0.54
C GLY A 97 -7.22 12.10 -0.93
N LEU A 98 -6.85 13.13 -0.17
CA LEU A 98 -5.52 13.76 -0.27
C LEU A 98 -4.73 13.43 0.97
N TRP A 99 -5.42 13.44 2.11
CA TRP A 99 -4.83 13.20 3.42
C TRP A 99 -4.28 11.78 3.55
N ILE A 100 -5.10 10.78 3.21
CA ILE A 100 -4.68 9.38 3.29
C ILE A 100 -3.38 9.09 2.52
N PRO A 101 -3.32 9.38 1.20
CA PRO A 101 -2.11 9.07 0.44
C PRO A 101 -0.89 9.90 0.85
N LEU A 102 -1.11 11.09 1.40
CA LEU A 102 -0.01 11.92 1.90
C LEU A 102 0.60 11.32 3.17
N VAL A 103 -0.24 11.02 4.16
CA VAL A 103 0.20 10.41 5.41
C VAL A 103 0.86 9.05 5.15
N VAL A 104 0.23 8.22 4.30
CA VAL A 104 0.79 6.92 3.98
C VAL A 104 2.17 7.06 3.34
N ALA A 105 2.30 8.00 2.39
CA ALA A 105 3.55 8.30 1.73
C ALA A 105 4.66 8.68 2.70
N ILE A 106 4.29 9.37 3.77
CA ILE A 106 5.23 9.88 4.75
C ILE A 106 6.04 8.74 5.43
N TYR A 107 5.40 7.60 5.66
CA TYR A 107 6.11 6.45 6.22
C TYR A 107 6.52 5.40 5.18
N TYR A 108 5.74 5.28 4.11
CA TYR A 108 5.97 4.30 3.05
C TYR A 108 7.29 4.53 2.34
N VAL A 109 7.53 5.77 1.91
CA VAL A 109 8.79 6.15 1.25
C VAL A 109 9.98 5.86 2.17
N TYR A 110 9.77 6.00 3.47
CA TYR A 110 10.82 5.69 4.44
C TYR A 110 11.12 4.18 4.50
N ILE A 111 10.10 3.35 4.57
CA ILE A 111 10.28 1.90 4.51
C ILE A 111 10.93 1.51 3.18
N GLU A 112 10.43 2.11 2.10
CA GLU A 112 11.00 1.92 0.77
C GLU A 112 12.51 2.22 0.75
N SER A 113 12.92 3.27 1.46
CA SER A 113 14.35 3.62 1.53
C SER A 113 15.17 2.58 2.29
N TRP A 114 14.57 1.88 3.25
CA TRP A 114 15.29 0.81 3.95
C TRP A 114 15.68 -0.30 2.97
N THR A 115 14.79 -0.60 2.02
CA THR A 115 15.02 -1.66 1.05
C THR A 115 16.19 -1.31 0.12
N LEU A 116 16.29 -0.02 -0.25
CA LEU A 116 17.43 0.45 -1.03
C LEU A 116 18.72 0.41 -0.22
N GLY A 117 18.67 0.88 1.03
CA GLY A 117 19.81 0.82 1.93
C GLY A 117 20.32 -0.60 2.12
N PHE A 118 19.40 -1.53 2.35
CA PHE A 118 19.74 -2.95 2.49
C PHE A 118 20.25 -3.54 1.18
N ALA A 119 19.60 -3.21 0.07
CA ALA A 119 20.06 -3.64 -1.26
C ALA A 119 21.54 -3.28 -1.45
N ILE A 120 21.88 -2.01 -1.23
CA ILE A 120 23.25 -1.52 -1.37
C ILE A 120 24.23 -2.30 -0.48
N LYS A 121 23.89 -2.43 0.81
CA LYS A 121 24.76 -3.11 1.77
C LYS A 121 24.94 -4.61 1.47
N PHE A 122 23.90 -5.22 0.92
CA PHE A 122 23.97 -6.64 0.55
C PHE A 122 24.76 -6.87 -0.74
N LEU A 123 24.65 -5.94 -1.69
CA LEU A 123 25.42 -5.99 -2.93
C LEU A 123 26.92 -5.85 -2.67
N VAL A 124 27.26 -4.95 -1.75
CA VAL A 124 28.64 -4.63 -1.42
C VAL A 124 29.17 -5.58 -0.32
N GLY A 125 28.28 -6.38 0.25
CA GLY A 125 28.65 -7.38 1.24
C GLY A 125 28.94 -6.83 2.62
N LEU A 126 28.49 -5.61 2.90
CA LEU A 126 28.61 -5.02 4.23
C LEU A 126 27.46 -5.50 5.12
N VAL A 127 27.48 -6.80 5.41
CA VAL A 127 26.38 -7.47 6.10
C VAL A 127 26.93 -8.36 7.21
N PRO A 128 26.10 -8.67 8.23
CA PRO A 128 26.59 -9.54 9.29
C PRO A 128 26.75 -10.98 8.81
N GLU A 129 27.50 -11.76 9.56
CA GLU A 129 27.69 -13.17 9.26
C GLU A 129 27.42 -14.01 10.51
N PRO A 130 26.79 -15.19 10.32
CA PRO A 130 26.56 -16.13 11.43
C PRO A 130 27.88 -16.72 11.93
N PRO A 131 27.97 -17.01 13.25
CA PRO A 131 29.22 -17.52 13.83
C PRO A 131 29.53 -18.96 13.46
N PRO A 137 19.77 -21.12 16.36
CA PRO A 137 18.53 -20.46 15.93
C PRO A 137 18.52 -18.97 16.28
N ASP A 138 18.89 -18.63 17.51
CA ASP A 138 18.98 -17.24 17.94
C ASP A 138 20.35 -16.64 17.62
N SER A 139 21.36 -17.49 17.54
CA SER A 139 22.70 -17.08 17.11
C SER A 139 22.72 -16.77 15.61
N ILE A 140 21.70 -17.27 14.91
CA ILE A 140 21.50 -17.01 13.48
C ILE A 140 20.75 -15.69 13.28
N LEU A 141 19.73 -15.44 14.09
CA LEU A 141 18.86 -14.28 13.92
C LEU A 141 19.40 -12.97 14.50
N ARG A 142 20.08 -13.06 15.64
CA ARG A 142 20.52 -11.89 16.40
C ARG A 142 21.38 -10.86 15.64
N PRO A 143 22.41 -11.31 14.88
CA PRO A 143 23.20 -10.33 14.11
C PRO A 143 22.38 -9.55 13.08
N PHE A 144 21.35 -10.18 12.53
CA PHE A 144 20.49 -9.53 11.55
C PHE A 144 19.42 -8.63 12.21
N LYS A 145 18.99 -9.02 13.40
CA LYS A 145 18.15 -8.18 14.25
C LYS A 145 18.87 -6.88 14.58
N GLU A 146 20.12 -7.02 15.04
CA GLU A 146 20.96 -5.88 15.41
C GLU A 146 21.32 -5.01 14.21
N PHE A 147 21.48 -5.65 13.06
CA PHE A 147 21.76 -4.96 11.81
C PHE A 147 20.63 -3.99 11.43
N LEU A 148 19.38 -4.46 11.51
CA LEU A 148 18.22 -3.62 11.23
C LEU A 148 18.02 -2.55 12.31
N TYR A 149 18.26 -2.93 13.57
CA TYR A 149 18.07 -2.03 14.71
C TYR A 149 19.04 -0.85 14.69
N SER A 150 20.28 -1.09 14.26
CA SER A 150 21.26 -0.02 14.06
C SER A 150 20.91 0.87 12.89
N TYR A 151 20.33 0.27 11.85
CA TYR A 151 20.00 0.98 10.63
C TYR A 151 18.91 2.03 10.90
N ILE A 152 17.79 1.59 11.45
CA ILE A 152 16.65 2.47 11.70
C ILE A 152 16.75 3.19 13.05
N GLY A 153 17.62 2.69 13.93
CA GLY A 153 17.83 3.29 15.24
C GLY A 153 16.80 2.96 16.32
N VAL A 154 16.34 1.71 16.35
CA VAL A 154 15.40 1.23 17.37
C VAL A 154 15.88 1.61 18.78
N PRO A 155 14.98 2.19 19.62
CA PRO A 155 15.30 2.61 20.98
C PRO A 155 15.95 1.48 21.78
N LYS A 156 17.05 1.79 22.46
CA LYS A 156 17.77 0.81 23.25
C LYS A 156 17.42 0.91 24.73
N GLY A 157 16.98 2.09 25.15
CA GLY A 157 16.63 2.34 26.55
C GLY A 157 15.18 2.77 26.75
N ASP A 158 14.99 3.73 27.66
CA ASP A 158 13.65 4.19 28.06
C ASP A 158 12.99 5.12 27.03
N GLU A 159 13.79 5.99 26.43
CA GLU A 159 13.28 7.04 25.57
C GLU A 159 12.65 6.52 24.28
N PRO A 160 11.43 6.97 23.96
CA PRO A 160 10.73 6.58 22.74
C PRO A 160 11.31 7.27 21.51
N ILE A 161 12.64 7.37 21.47
CA ILE A 161 13.35 8.09 20.42
C ILE A 161 14.14 7.14 19.52
N LEU A 162 13.95 7.31 18.21
CA LEU A 162 14.70 6.56 17.21
C LEU A 162 15.95 7.35 16.80
N LYS A 163 17.01 6.62 16.47
CA LYS A 163 18.28 7.23 16.08
C LYS A 163 18.78 6.59 14.78
N PRO A 164 18.15 6.93 13.63
CA PRO A 164 18.57 6.33 12.37
C PRO A 164 20.04 6.65 12.04
N SER A 165 20.75 5.66 11.50
CA SER A 165 22.14 5.85 11.07
C SER A 165 22.22 6.93 10.00
N LEU A 166 23.42 7.47 9.78
CA LEU A 166 23.63 8.48 8.75
C LEU A 166 23.37 7.91 7.35
N PHE A 167 23.71 6.64 7.16
CA PHE A 167 23.43 5.92 5.90
C PHE A 167 21.93 5.87 5.61
N ALA A 168 21.13 5.43 6.59
CA ALA A 168 19.66 5.41 6.46
C ALA A 168 19.08 6.76 6.05
N TYR A 169 19.56 7.83 6.68
CA TYR A 169 19.10 9.19 6.41
C TYR A 169 19.44 9.62 4.99
N ILE A 170 20.69 9.43 4.59
CA ILE A 170 21.15 9.78 3.24
C ILE A 170 20.45 8.94 2.16
N VAL A 171 20.23 7.66 2.44
CA VAL A 171 19.48 6.79 1.51
C VAL A 171 18.01 7.23 1.38
N PHE A 172 17.43 7.75 2.47
CA PHE A 172 16.10 8.36 2.41
C PHE A 172 16.07 9.57 1.48
N LEU A 173 17.10 10.41 1.54
CA LEU A 173 17.25 11.54 0.62
C LEU A 173 17.35 11.10 -0.84
N ILE A 174 18.23 10.14 -1.12
CA ILE A 174 18.38 9.58 -2.46
C ILE A 174 17.05 9.03 -2.97
N THR A 175 16.35 8.29 -2.12
CA THR A 175 15.03 7.72 -2.44
C THR A 175 14.02 8.81 -2.81
N MET A 176 13.99 9.90 -2.04
CA MET A 176 13.15 11.05 -2.37
C MET A 176 13.52 11.59 -3.75
N PHE A 177 14.82 11.75 -3.99
CA PHE A 177 15.33 12.23 -5.28
C PHE A 177 14.94 11.31 -6.45
N ILE A 178 14.95 10.00 -6.21
CA ILE A 178 14.54 9.04 -7.23
C ILE A 178 13.04 9.15 -7.52
N ASN A 179 12.23 9.23 -6.48
CA ASN A 179 10.80 9.45 -6.62
C ASN A 179 10.48 10.73 -7.42
N VAL A 180 11.18 11.82 -7.08
CA VAL A 180 11.03 13.10 -7.76
C VAL A 180 11.43 13.03 -9.24
N SER A 181 12.59 12.42 -9.53
CA SER A 181 13.09 12.32 -10.90
C SER A 181 12.10 11.62 -11.84
N ILE A 182 11.39 10.62 -11.33
CA ILE A 182 10.31 9.97 -12.08
C ILE A 182 9.09 10.89 -12.22
N LEU A 183 8.61 11.40 -11.08
CA LEU A 183 7.37 12.16 -11.03
C LEU A 183 7.39 13.48 -11.80
N ILE A 184 8.55 14.13 -11.81
CA ILE A 184 8.71 15.41 -12.49
C ILE A 184 8.61 15.31 -14.02
N ARG A 185 8.82 14.12 -14.57
CA ARG A 185 8.71 13.88 -16.02
C ARG A 185 7.27 13.68 -16.48
N GLY A 186 6.35 13.56 -15.51
CA GLY A 186 4.92 13.48 -15.80
C GLY A 186 4.34 12.08 -15.83
N ILE A 187 3.15 11.98 -16.41
CA ILE A 187 2.39 10.73 -16.47
C ILE A 187 2.96 9.71 -17.47
N SER A 188 2.99 10.08 -18.75
CA SER A 188 3.41 9.16 -19.80
C SER A 188 4.93 9.01 -19.90
N LYS A 189 5.65 10.12 -19.76
CA LYS A 189 7.10 10.13 -19.89
C LYS A 189 7.84 9.80 -18.58
N GLY A 190 7.10 9.79 -17.47
CA GLY A 190 7.68 9.48 -16.17
C GLY A 190 7.13 8.19 -15.55
N ILE A 191 5.88 8.25 -15.10
CA ILE A 191 5.26 7.12 -14.40
C ILE A 191 5.08 5.90 -15.30
N GLU A 192 4.55 6.13 -16.50
CA GLU A 192 4.32 5.07 -17.48
C GLU A 192 5.63 4.41 -17.96
N ARG A 193 6.59 5.22 -18.40
CA ARG A 193 7.87 4.72 -18.89
C ARG A 193 8.61 3.90 -17.84
N PHE A 194 8.56 4.36 -16.59
CA PHE A 194 9.21 3.64 -15.50
C PHE A 194 8.53 2.31 -15.20
N ALA A 195 7.20 2.29 -15.26
CA ALA A 195 6.41 1.08 -14.99
C ALA A 195 6.77 -0.04 -15.98
N LYS A 196 6.93 0.34 -17.25
CA LYS A 196 7.30 -0.58 -18.32
C LYS A 196 8.68 -1.20 -18.11
N ILE A 197 9.54 -0.50 -17.38
CA ILE A 197 10.84 -1.03 -17.00
C ILE A 197 10.72 -1.86 -15.72
N ALA A 198 10.06 -1.29 -14.71
CA ALA A 198 10.06 -1.86 -13.36
C ALA A 198 9.31 -3.19 -13.24
N MET A 199 8.10 -3.23 -13.80
CA MET A 199 7.22 -4.40 -13.65
C MET A 199 7.79 -5.74 -14.17
N PRO A 200 8.34 -5.77 -15.40
CA PRO A 200 8.98 -7.01 -15.86
C PRO A 200 10.13 -7.44 -14.94
N THR A 201 11.01 -6.50 -14.61
CA THR A 201 12.12 -6.75 -13.67
C THR A 201 11.60 -7.32 -12.35
N LEU A 202 10.58 -6.68 -11.80
CA LEU A 202 9.93 -7.08 -10.54
C LEU A 202 9.42 -8.52 -10.60
N PHE A 203 8.73 -8.85 -11.70
CA PHE A 203 8.20 -10.19 -11.92
C PHE A 203 9.30 -11.24 -12.04
N ILE A 204 10.35 -10.92 -12.81
CA ILE A 204 11.50 -11.82 -13.00
C ILE A 204 12.21 -12.13 -11.67
N LEU A 205 12.57 -11.09 -10.94
CA LEU A 205 13.25 -11.26 -9.65
C LEU A 205 12.40 -12.08 -8.70
N ALA A 206 11.10 -11.79 -8.65
CA ALA A 206 10.17 -12.49 -7.78
C ALA A 206 10.04 -13.98 -8.12
N VAL A 207 9.91 -14.28 -9.41
CA VAL A 207 9.87 -15.67 -9.88
C VAL A 207 11.17 -16.41 -9.53
N PHE A 208 12.30 -15.76 -9.80
CA PHE A 208 13.61 -16.32 -9.46
C PHE A 208 13.70 -16.67 -7.97
N LEU A 209 13.30 -15.72 -7.12
CA LEU A 209 13.33 -15.91 -5.68
C LEU A 209 12.36 -16.99 -5.20
N VAL A 210 11.16 -17.03 -5.80
CA VAL A 210 10.17 -18.09 -5.52
C VAL A 210 10.77 -19.47 -5.83
N ILE A 211 11.33 -19.62 -7.04
CA ILE A 211 12.02 -20.85 -7.44
C ILE A 211 13.14 -21.21 -6.45
N ARG A 212 13.99 -20.24 -6.15
CA ARG A 212 15.11 -20.45 -5.22
C ARG A 212 14.65 -20.88 -3.82
N VAL A 213 13.58 -20.27 -3.32
CA VAL A 213 13.02 -20.61 -2.01
C VAL A 213 12.43 -22.04 -1.98
N PHE A 214 11.87 -22.47 -3.10
CA PHE A 214 11.31 -23.83 -3.23
C PHE A 214 12.34 -24.93 -2.97
N LEU A 215 13.59 -24.65 -3.30
CA LEU A 215 14.69 -25.62 -3.15
C LEU A 215 15.26 -25.71 -1.73
N LEU A 216 14.72 -24.93 -0.80
CA LEU A 216 15.22 -24.95 0.58
C LEU A 216 14.67 -26.11 1.39
N GLU A 217 15.59 -26.86 2.02
CA GLU A 217 15.22 -27.88 2.98
C GLU A 217 16.23 -27.98 4.12
N THR A 218 15.70 -28.10 5.35
CA THR A 218 16.49 -28.33 6.54
C THR A 218 15.81 -29.45 7.33
N PRO A 219 16.47 -29.96 8.40
CA PRO A 219 15.81 -30.94 9.29
C PRO A 219 14.47 -30.47 9.89
N ASN A 220 14.14 -29.19 9.75
CA ASN A 220 12.90 -28.63 10.28
C ASN A 220 11.74 -28.59 9.28
N GLY A 221 12.06 -28.69 7.98
CA GLY A 221 11.03 -28.73 6.96
C GLY A 221 11.47 -28.26 5.58
N THR A 222 10.51 -28.18 4.67
CA THR A 222 10.73 -27.69 3.31
C THR A 222 9.84 -26.47 3.07
N ALA A 223 9.98 -25.86 1.89
CA ALA A 223 9.11 -24.75 1.49
C ALA A 223 7.66 -25.19 1.35
N ALA A 224 7.46 -26.42 0.90
CA ALA A 224 6.11 -27.00 0.70
C ALA A 224 5.26 -27.01 1.97
N ASP A 225 5.91 -27.18 3.12
CA ASP A 225 5.24 -27.13 4.42
C ASP A 225 4.66 -25.76 4.72
N GLY A 226 5.34 -24.71 4.24
CA GLY A 226 4.87 -23.34 4.36
C GLY A 226 3.65 -23.08 3.49
N LEU A 227 3.67 -23.61 2.28
CA LEU A 227 2.53 -23.49 1.37
C LEU A 227 1.31 -24.25 1.88
N ASN A 228 1.53 -25.41 2.48
CA ASN A 228 0.46 -26.20 3.09
C ASN A 228 -0.22 -25.45 4.24
N PHE A 229 0.59 -24.78 5.06
CA PHE A 229 0.08 -23.94 6.14
C PHE A 229 -0.78 -22.80 5.61
N LEU A 230 -0.33 -22.22 4.49
CA LEU A 230 -0.98 -21.04 3.91
C LEU A 230 -2.23 -21.40 3.12
N TRP A 231 -2.31 -22.64 2.64
CA TRP A 231 -3.38 -23.06 1.74
C TRP A 231 -4.23 -24.22 2.24
N THR A 232 -4.24 -24.43 3.56
CA THR A 232 -5.17 -25.39 4.17
C THR A 232 -6.23 -24.62 4.95
N PRO A 233 -7.46 -24.57 4.40
CA PRO A 233 -8.58 -23.85 5.01
C PRO A 233 -8.89 -24.34 6.42
N ASP A 234 -8.94 -23.39 7.35
CA ASP A 234 -9.29 -23.67 8.75
C ASP A 234 -10.66 -23.05 9.02
N PHE A 235 -11.66 -23.90 9.18
CA PHE A 235 -13.05 -23.45 9.31
C PHE A 235 -13.43 -23.03 10.73
N GLU A 236 -12.50 -23.23 11.67
CA GLU A 236 -12.71 -22.87 13.08
C GLU A 236 -12.20 -21.46 13.40
N LYS A 237 -12.13 -20.60 12.37
CA LYS A 237 -11.64 -19.24 12.53
C LYS A 237 -12.51 -18.21 11.82
N LEU A 238 -13.41 -18.70 10.96
CA LEU A 238 -14.33 -17.86 10.19
C LEU A 238 -15.37 -17.16 11.07
N LYS A 239 -15.26 -17.34 12.39
CA LYS A 239 -16.14 -16.69 13.35
C LYS A 239 -15.46 -15.54 14.09
N ASP A 240 -14.13 -15.51 14.05
CA ASP A 240 -13.34 -14.44 14.65
C ASP A 240 -13.43 -13.17 13.80
N PRO A 241 -14.01 -12.09 14.35
CA PRO A 241 -14.11 -10.81 13.63
C PRO A 241 -12.76 -10.17 13.34
N GLY A 242 -11.75 -10.52 14.15
CA GLY A 242 -10.39 -10.00 13.98
C GLY A 242 -9.72 -10.46 12.70
N VAL A 243 -10.09 -11.65 12.24
CA VAL A 243 -9.58 -12.21 10.99
C VAL A 243 -10.23 -11.49 9.79
N TRP A 244 -11.53 -11.27 9.87
CA TRP A 244 -12.28 -10.57 8.82
C TRP A 244 -11.85 -9.11 8.68
N ILE A 245 -11.51 -8.48 9.80
CA ILE A 245 -10.97 -7.12 9.79
C ILE A 245 -9.57 -7.12 9.15
N ALA A 246 -8.75 -8.11 9.50
CA ALA A 246 -7.41 -8.25 8.94
C ALA A 246 -7.46 -8.43 7.42
N ALA A 247 -8.34 -9.32 6.96
CA ALA A 247 -8.49 -9.66 5.55
C ALA A 247 -8.97 -8.50 4.69
N VAL A 248 -10.00 -7.80 5.17
CA VAL A 248 -10.57 -6.67 4.43
C VAL A 248 -9.57 -5.52 4.37
N GLY A 249 -8.93 -5.24 5.50
CA GLY A 249 -7.86 -4.25 5.58
C GLY A 249 -6.75 -4.53 4.58
N GLN A 250 -6.29 -5.78 4.52
CA GLN A 250 -5.27 -6.19 3.56
C GLN A 250 -5.70 -5.95 2.11
N ILE A 251 -6.96 -6.29 1.79
CA ILE A 251 -7.52 -6.09 0.45
C ILE A 251 -7.46 -4.62 0.01
N PHE A 252 -7.86 -3.69 0.90
CA PHE A 252 -7.79 -2.26 0.62
C PHE A 252 -6.36 -1.81 0.38
N PHE A 253 -5.49 -2.14 1.33
CA PHE A 253 -4.09 -1.75 1.26
C PHE A 253 -3.41 -2.30 0.02
N THR A 254 -3.62 -3.59 -0.24
CA THR A 254 -2.90 -4.26 -1.34
C THR A 254 -3.31 -3.76 -2.72
N LEU A 255 -4.58 -3.41 -2.87
CA LEU A 255 -5.12 -2.95 -4.15
C LEU A 255 -5.07 -1.43 -4.30
N SER A 256 -4.52 -0.75 -3.29
CA SER A 256 -4.48 0.72 -3.25
C SER A 256 -5.88 1.35 -3.25
N LEU A 257 -6.83 0.68 -2.62
CA LEU A 257 -8.20 1.17 -2.55
C LEU A 257 -8.39 2.05 -1.32
N GLY A 258 -9.09 3.17 -1.51
CA GLY A 258 -9.35 4.12 -0.43
C GLY A 258 -8.19 5.07 -0.18
N PHE A 259 -7.20 5.03 -1.06
CA PHE A 259 -6.03 5.89 -0.96
C PHE A 259 -6.12 7.07 -1.92
N GLY A 260 -7.25 7.20 -2.61
CA GLY A 260 -7.39 8.18 -3.70
C GLY A 260 -6.38 8.07 -4.82
N ALA A 261 -5.51 7.05 -4.78
CA ALA A 261 -4.41 6.89 -5.72
C ALA A 261 -4.84 6.30 -7.06
N ILE A 262 -5.71 5.30 -6.99
CA ILE A 262 -6.32 4.70 -8.19
C ILE A 262 -7.15 5.74 -8.93
N ILE A 263 -7.95 6.49 -8.19
CA ILE A 263 -8.78 7.56 -8.77
C ILE A 263 -7.94 8.57 -9.55
N THR A 264 -6.84 9.01 -8.96
CA THR A 264 -5.94 9.98 -9.60
C THR A 264 -5.31 9.42 -10.89
N TYR A 265 -4.84 8.17 -10.85
CA TYR A 265 -4.31 7.50 -12.04
C TYR A 265 -5.37 7.39 -13.14
N ALA A 266 -6.59 7.02 -12.73
CA ALA A 266 -7.71 6.89 -13.67
C ALA A 266 -8.16 8.21 -14.30
N SER A 267 -7.76 9.33 -13.68
CA SER A 267 -8.11 10.65 -14.20
C SER A 267 -7.28 11.05 -15.42
N TYR A 268 -6.28 10.22 -15.73
CA TYR A 268 -5.48 10.40 -16.94
C TYR A 268 -5.88 9.40 -18.03
N VAL A 269 -6.90 8.60 -17.74
CA VAL A 269 -7.52 7.74 -18.74
C VAL A 269 -8.56 8.55 -19.52
N ARG A 270 -8.51 8.44 -20.85
CA ARG A 270 -9.41 9.18 -21.74
C ARG A 270 -10.88 8.84 -21.50
N LYS A 271 -11.74 9.85 -21.72
CA LYS A 271 -13.17 9.77 -21.42
C LYS A 271 -13.89 8.53 -21.98
N ASP A 272 -13.38 8.01 -23.10
CA ASP A 272 -14.02 6.93 -23.85
C ASP A 272 -13.41 5.56 -23.56
N GLN A 273 -12.11 5.53 -23.27
CA GLN A 273 -11.33 4.31 -23.05
C GLN A 273 -11.94 3.38 -21.98
N ASP A 274 -11.80 2.08 -22.19
CA ASP A 274 -12.32 1.05 -21.25
C ASP A 274 -11.65 1.09 -19.88
N ILE A 275 -12.45 0.88 -18.84
CA ILE A 275 -11.95 0.76 -17.47
C ILE A 275 -12.35 -0.58 -16.84
N VAL A 276 -13.27 -1.29 -17.48
CA VAL A 276 -13.79 -2.55 -16.95
C VAL A 276 -12.77 -3.69 -17.01
N LEU A 277 -12.25 -3.97 -18.20
CA LEU A 277 -11.25 -5.03 -18.36
C LEU A 277 -9.89 -4.58 -17.80
N SER A 278 -9.51 -3.34 -18.09
CA SER A 278 -8.25 -2.77 -17.57
C SER A 278 -8.20 -2.87 -16.05
N GLY A 279 -9.28 -2.43 -15.40
CA GLY A 279 -9.41 -2.47 -13.94
C GLY A 279 -9.31 -3.88 -13.39
N LEU A 280 -10.03 -4.81 -14.01
CA LEU A 280 -10.02 -6.22 -13.61
C LEU A 280 -8.62 -6.84 -13.77
N THR A 281 -7.94 -6.51 -14.86
CA THR A 281 -6.60 -7.00 -15.14
C THR A 281 -5.60 -6.52 -14.08
N ALA A 282 -5.61 -5.22 -13.79
CA ALA A 282 -4.74 -4.63 -12.77
C ALA A 282 -4.96 -5.26 -11.39
N ALA A 283 -6.23 -5.52 -11.06
CA ALA A 283 -6.58 -6.14 -9.79
C ALA A 283 -6.13 -7.61 -9.72
N THR A 284 -6.28 -8.33 -10.83
CA THR A 284 -5.91 -9.74 -10.90
C THR A 284 -4.39 -9.93 -10.95
N LEU A 285 -3.69 -9.02 -11.63
CA LEU A 285 -2.22 -9.00 -11.63
C LEU A 285 -1.66 -8.85 -10.21
N ASN A 286 -2.28 -7.99 -9.41
CA ASN A 286 -1.88 -7.79 -8.01
C ASN A 286 -2.07 -9.03 -7.14
N GLU A 287 -3.22 -9.69 -7.28
CA GLU A 287 -3.53 -10.88 -6.49
C GLU A 287 -2.61 -12.06 -6.80
N LYS A 288 -2.25 -12.21 -8.07
CA LYS A 288 -1.27 -13.21 -8.48
C LYS A 288 0.11 -12.91 -7.86
N ALA A 289 0.53 -11.65 -7.95
CA ALA A 289 1.77 -11.21 -7.31
C ALA A 289 1.72 -11.33 -5.78
N GLU A 290 0.52 -11.26 -5.22
CA GLU A 290 0.34 -11.34 -3.78
C GLU A 290 0.31 -12.78 -3.27
N VAL A 291 -0.62 -13.58 -3.78
CA VAL A 291 -0.80 -14.94 -3.24
C VAL A 291 0.19 -15.96 -3.80
N ILE A 292 0.55 -15.82 -5.08
CA ILE A 292 1.50 -16.74 -5.71
C ILE A 292 2.95 -16.35 -5.41
N LEU A 293 3.32 -15.11 -5.72
CA LEU A 293 4.70 -14.67 -5.56
C LEU A 293 5.01 -14.24 -4.12
N GLY A 294 4.29 -13.24 -3.63
CA GLY A 294 4.46 -12.74 -2.27
C GLY A 294 4.26 -13.80 -1.20
N GLY A 295 3.26 -14.67 -1.41
CA GLY A 295 2.95 -15.72 -0.45
C GLY A 295 3.90 -16.90 -0.47
N SER A 296 4.72 -17.02 -1.51
CA SER A 296 5.65 -18.15 -1.66
C SER A 296 7.10 -17.86 -1.24
N ILE A 297 7.39 -16.64 -0.82
CA ILE A 297 8.77 -16.28 -0.48
C ILE A 297 9.03 -16.32 1.04
N SER A 298 8.44 -15.37 1.77
CA SER A 298 8.71 -15.21 3.20
C SER A 298 8.34 -16.41 4.06
N ILE A 299 7.07 -16.81 4.01
CA ILE A 299 6.54 -17.87 4.86
C ILE A 299 7.22 -19.23 4.60
N PRO A 300 7.20 -19.71 3.33
CA PRO A 300 7.79 -21.02 3.06
C PRO A 300 9.25 -21.12 3.49
N ALA A 301 10.01 -20.05 3.27
CA ALA A 301 11.41 -19.99 3.70
C ALA A 301 11.54 -20.10 5.22
N ALA A 302 10.72 -19.33 5.93
CA ALA A 302 10.71 -19.32 7.39
C ALA A 302 10.29 -20.67 7.97
N VAL A 303 9.25 -21.27 7.39
CA VAL A 303 8.75 -22.58 7.82
C VAL A 303 9.77 -23.69 7.53
N ALA A 304 10.47 -23.58 6.40
CA ALA A 304 11.50 -24.55 6.01
C ALA A 304 12.66 -24.64 7.00
N PHE A 305 13.04 -23.50 7.58
CA PHE A 305 14.17 -23.45 8.50
C PHE A 305 13.76 -23.61 9.97
N PHE A 306 12.56 -23.17 10.30
CA PHE A 306 12.16 -23.09 11.72
C PHE A 306 10.94 -23.94 12.08
N GLY A 307 10.17 -24.38 11.09
CA GLY A 307 8.90 -25.06 11.33
C GLY A 307 7.76 -24.06 11.45
N VAL A 308 6.53 -24.57 11.42
CA VAL A 308 5.33 -23.72 11.45
C VAL A 308 5.19 -22.89 12.73
N ALA A 309 5.29 -23.55 13.88
CA ALA A 309 5.12 -22.88 15.18
C ALA A 309 6.07 -21.70 15.37
N ASN A 310 7.33 -21.88 15.00
CA ASN A 310 8.35 -20.83 15.11
C ASN A 310 8.13 -19.69 14.13
N ALA A 311 7.78 -20.02 12.89
CA ALA A 311 7.54 -19.02 11.85
C ALA A 311 6.39 -18.08 12.19
N VAL A 312 5.32 -18.64 12.74
CA VAL A 312 4.17 -17.87 13.24
C VAL A 312 4.57 -16.96 14.41
N ALA A 313 5.33 -17.51 15.35
CA ALA A 313 5.82 -16.76 16.51
C ALA A 313 6.74 -15.59 16.13
N ILE A 314 7.57 -15.79 15.10
CA ILE A 314 8.44 -14.74 14.56
C ILE A 314 7.60 -13.63 13.89
N ALA A 315 6.60 -14.05 13.11
CA ALA A 315 5.68 -13.15 12.44
C ALA A 315 4.81 -12.32 13.40
N LYS A 316 4.62 -12.84 14.62
CA LYS A 316 3.82 -12.16 15.65
C LYS A 316 4.60 -11.14 16.47
N ALA A 317 5.87 -11.42 16.74
CA ALA A 317 6.73 -10.54 17.55
C ALA A 317 7.28 -9.34 16.75
N GLY A 318 6.88 -9.24 15.49
CA GLY A 318 7.30 -8.17 14.59
C GLY A 318 6.72 -8.37 13.20
N ALA A 319 6.66 -7.29 12.43
CA ALA A 319 6.16 -7.35 11.05
C ALA A 319 7.26 -7.07 10.02
N PHE A 320 8.35 -6.47 10.49
CA PHE A 320 9.55 -6.30 9.67
C PHE A 320 10.59 -7.36 10.06
N ASN A 321 10.22 -8.19 11.03
CA ASN A 321 11.00 -9.35 11.43
C ASN A 321 11.21 -10.32 10.28
N LEU A 322 10.17 -10.50 9.47
CA LEU A 322 10.18 -11.50 8.41
C LEU A 322 11.02 -11.06 7.21
N GLY A 323 10.78 -9.85 6.73
CA GLY A 323 11.41 -9.35 5.51
C GLY A 323 12.81 -8.79 5.68
N PHE A 324 13.09 -8.22 6.85
CA PHE A 324 14.37 -7.53 7.09
C PHE A 324 15.30 -8.27 8.03
N ILE A 325 14.78 -9.23 8.80
CA ILE A 325 15.60 -9.98 9.74
C ILE A 325 15.71 -11.46 9.36
N THR A 326 14.57 -12.14 9.32
CA THR A 326 14.53 -13.60 9.15
C THR A 326 14.96 -14.07 7.77
N LEU A 327 14.42 -13.45 6.72
CA LEU A 327 14.75 -13.86 5.36
C LEU A 327 16.24 -13.68 5.01
N PRO A 328 16.80 -12.46 5.21
CA PRO A 328 18.25 -12.32 5.01
C PRO A 328 19.09 -13.25 5.88
N ALA A 329 18.64 -13.53 7.10
CA ALA A 329 19.31 -14.48 7.98
C ALA A 329 19.35 -15.88 7.37
N ILE A 330 18.22 -16.29 6.81
CA ILE A 330 18.09 -17.59 6.14
C ILE A 330 19.00 -17.64 4.92
N PHE A 331 18.95 -16.60 4.10
CA PHE A 331 19.75 -16.53 2.87
C PHE A 331 21.25 -16.66 3.14
N SER A 332 21.73 -16.04 4.21
CA SER A 332 23.15 -16.05 4.57
C SER A 332 23.69 -17.45 4.86
N GLN A 333 22.78 -18.39 5.08
CA GLN A 333 23.13 -19.79 5.34
C GLN A 333 23.32 -20.58 4.05
N THR A 334 23.15 -19.93 2.91
CA THR A 334 23.22 -20.58 1.59
C THR A 334 24.30 -19.97 0.69
N ALA A 335 24.67 -20.69 -0.36
CA ALA A 335 25.68 -20.23 -1.30
C ALA A 335 25.19 -19.02 -2.09
N GLY A 336 25.94 -17.93 -2.01
CA GLY A 336 25.56 -16.66 -2.63
C GLY A 336 24.36 -15.99 -1.97
N GLY A 337 24.12 -16.33 -0.71
CA GLY A 337 22.99 -15.78 0.05
C GLY A 337 22.96 -14.27 0.15
N THR A 338 24.13 -13.67 0.27
CA THR A 338 24.31 -12.22 0.29
C THR A 338 23.76 -11.56 -0.99
N PHE A 339 24.03 -12.17 -2.14
CA PHE A 339 23.49 -11.70 -3.42
C PHE A 339 21.99 -11.97 -3.51
N LEU A 340 21.57 -13.07 -2.91
CA LEU A 340 20.15 -13.42 -2.84
C LEU A 340 19.39 -12.38 -2.00
N GLY A 341 20.00 -11.96 -0.90
CA GLY A 341 19.50 -10.86 -0.09
C GLY A 341 19.33 -9.60 -0.92
N PHE A 342 20.36 -9.27 -1.71
CA PHE A 342 20.31 -8.11 -2.60
C PHE A 342 19.13 -8.16 -3.54
N LEU A 343 18.90 -9.31 -4.18
CA LEU A 343 17.79 -9.47 -5.12
C LEU A 343 16.43 -9.28 -4.45
N TRP A 344 16.32 -9.79 -3.22
CA TRP A 344 15.16 -9.59 -2.37
C TRP A 344 14.90 -8.10 -2.11
N PHE A 345 15.92 -7.39 -1.65
CA PHE A 345 15.77 -5.97 -1.34
C PHE A 345 15.66 -5.07 -2.56
N PHE A 346 16.23 -5.51 -3.69
CA PHE A 346 16.07 -4.80 -4.95
C PHE A 346 14.65 -4.97 -5.50
N LEU A 347 14.12 -6.18 -5.36
CA LEU A 347 12.72 -6.47 -5.69
C LEU A 347 11.79 -5.59 -4.85
N LEU A 348 12.03 -5.55 -3.54
CA LEU A 348 11.23 -4.73 -2.63
C LEU A 348 11.30 -3.25 -2.98
N PHE A 349 12.49 -2.78 -3.35
CA PHE A 349 12.67 -1.38 -3.72
C PHE A 349 11.84 -0.97 -4.93
N PHE A 350 11.79 -1.82 -5.95
CA PHE A 350 11.01 -1.57 -7.15
C PHE A 350 9.51 -1.79 -6.91
N ALA A 351 9.18 -2.69 -5.99
CA ALA A 351 7.80 -2.85 -5.53
C ALA A 351 7.33 -1.56 -4.85
N GLY A 352 8.15 -1.03 -3.95
CA GLY A 352 7.82 0.19 -3.22
C GLY A 352 7.78 1.42 -4.10
N LEU A 353 8.80 1.58 -4.94
CA LEU A 353 8.95 2.76 -5.79
C LEU A 353 7.77 2.99 -6.74
N THR A 354 7.28 1.92 -7.36
CA THR A 354 6.16 2.04 -8.29
C THR A 354 4.86 2.41 -7.57
N SER A 355 4.81 2.13 -6.26
CA SER A 355 3.66 2.46 -5.41
C SER A 355 3.76 3.82 -4.73
N SER A 356 4.98 4.23 -4.39
CA SER A 356 5.18 5.52 -3.72
C SER A 356 4.96 6.70 -4.66
N ILE A 357 5.30 6.53 -5.94
CA ILE A 357 4.98 7.54 -6.97
C ILE A 357 3.47 7.64 -7.15
N ALA A 358 2.76 6.57 -6.85
CA ALA A 358 1.29 6.53 -6.98
C ALA A 358 0.55 7.25 -5.85
N ILE A 359 1.09 7.21 -4.63
CA ILE A 359 0.47 7.87 -3.47
C ILE A 359 1.00 9.28 -3.21
N MET A 360 1.90 9.75 -4.07
CA MET A 360 2.32 11.16 -4.06
C MET A 360 1.67 11.95 -5.20
N GLN A 361 1.26 11.23 -6.25
CA GLN A 361 0.63 11.82 -7.43
C GLN A 361 -0.72 12.52 -7.17
N PRO A 362 -1.54 12.02 -6.21
CA PRO A 362 -2.78 12.76 -5.89
C PRO A 362 -2.53 14.18 -5.34
N MET A 363 -1.51 14.35 -4.51
CA MET A 363 -1.15 15.69 -4.02
C MET A 363 -0.66 16.57 -5.16
N ILE A 364 0.22 16.02 -6.00
CA ILE A 364 0.72 16.68 -7.21
C ILE A 364 -0.42 17.12 -8.14
N ALA A 365 -1.39 16.22 -8.36
CA ALA A 365 -2.53 16.49 -9.23
C ALA A 365 -3.46 17.54 -8.66
N PHE A 366 -3.60 17.58 -7.34
CA PHE A 366 -4.38 18.63 -6.69
C PHE A 366 -3.76 20.00 -6.95
N LEU A 367 -2.46 20.10 -6.71
CA LEU A 367 -1.73 21.37 -6.90
C LEU A 367 -1.77 21.84 -8.34
N GLU A 368 -1.73 20.90 -9.29
CA GLU A 368 -1.81 21.21 -10.71
C GLU A 368 -3.23 21.60 -11.14
N ASP A 369 -4.20 20.77 -10.78
CA ASP A 369 -5.58 20.96 -11.23
C ASP A 369 -6.26 22.15 -10.57
N GLU A 370 -6.15 22.24 -9.25
CA GLU A 370 -6.97 23.19 -8.47
C GLU A 370 -6.26 24.47 -8.08
N LEU A 371 -4.95 24.40 -7.87
CA LEU A 371 -4.17 25.59 -7.54
C LEU A 371 -3.34 26.06 -8.73
N LYS A 372 -3.49 25.36 -9.86
CA LYS A 372 -2.87 25.71 -11.15
C LYS A 372 -1.34 25.88 -11.11
N LEU A 373 -0.69 25.12 -10.23
CA LEU A 373 0.76 25.04 -10.21
C LEU A 373 1.28 24.20 -11.37
N SER A 374 2.48 24.54 -11.84
CA SER A 374 3.17 23.73 -12.84
C SER A 374 3.54 22.38 -12.25
N ARG A 375 3.82 21.40 -13.11
CA ARG A 375 4.26 20.08 -12.65
C ARG A 375 5.53 20.15 -11.80
N LYS A 376 6.49 20.97 -12.23
CA LYS A 376 7.75 21.14 -11.50
C LYS A 376 7.54 21.56 -10.05
N HIS A 377 6.74 22.61 -9.84
CA HIS A 377 6.47 23.14 -8.51
C HIS A 377 5.54 22.24 -7.70
N ALA A 378 4.58 21.61 -8.37
CA ALA A 378 3.68 20.65 -7.71
C ALA A 378 4.47 19.44 -7.16
N VAL A 379 5.41 18.93 -7.96
CA VAL A 379 6.24 17.79 -7.54
C VAL A 379 7.21 18.17 -6.42
N LEU A 380 7.91 19.30 -6.58
CA LEU A 380 8.90 19.73 -5.59
C LEU A 380 8.28 20.08 -4.23
N TRP A 381 7.15 20.80 -4.24
CA TRP A 381 6.42 21.11 -3.02
C TRP A 381 5.84 19.87 -2.33
N THR A 382 5.35 18.92 -3.13
CA THR A 382 4.87 17.64 -2.61
C THR A 382 6.00 16.86 -1.95
N ALA A 383 7.15 16.80 -2.62
CA ALA A 383 8.33 16.15 -2.08
C ALA A 383 8.81 16.81 -0.79
N ALA A 384 8.82 18.14 -0.77
CA ALA A 384 9.21 18.92 0.40
C ALA A 384 8.31 18.63 1.61
N ILE A 385 7.00 18.57 1.38
CA ILE A 385 6.03 18.26 2.43
C ILE A 385 6.26 16.85 2.99
N VAL A 386 6.42 15.87 2.09
CA VAL A 386 6.67 14.49 2.49
C VAL A 386 8.03 14.34 3.19
N PHE A 387 9.08 14.94 2.61
CA PHE A 387 10.42 14.88 3.20
C PHE A 387 10.44 15.44 4.62
N PHE A 388 9.92 16.65 4.78
CA PHE A 388 9.86 17.27 6.09
C PHE A 388 9.10 16.38 7.10
N SER A 389 7.87 16.02 6.76
CA SER A 389 6.98 15.28 7.64
C SER A 389 7.54 13.93 8.11
N ALA A 390 8.30 13.28 7.23
CA ALA A 390 8.88 11.97 7.50
C ALA A 390 9.90 11.98 8.64
N HIS A 391 10.33 13.17 9.05
CA HIS A 391 11.23 13.30 10.21
C HIS A 391 10.56 12.83 11.50
N LEU A 392 9.24 12.91 11.54
CA LEU A 392 8.48 12.36 12.66
C LEU A 392 8.54 10.84 12.68
N VAL A 393 8.42 10.22 11.51
CA VAL A 393 8.51 8.76 11.36
C VAL A 393 9.93 8.24 11.62
N MET A 394 10.93 9.02 11.24
CA MET A 394 12.34 8.65 11.41
C MET A 394 12.82 8.70 12.87
N PHE A 395 12.29 9.66 13.64
CA PHE A 395 12.83 9.95 14.98
C PHE A 395 11.91 9.62 16.16
N LEU A 396 10.61 9.46 15.89
CA LEU A 396 9.66 9.16 16.95
C LEU A 396 9.15 7.73 16.87
N ASN A 397 9.41 6.97 17.93
CA ASN A 397 8.99 5.57 18.00
C ASN A 397 7.47 5.41 18.03
N LYS A 398 6.98 4.45 17.26
CA LYS A 398 5.54 4.15 17.14
C LYS A 398 4.74 5.20 16.34
N SER A 399 5.44 6.17 15.75
CA SER A 399 4.83 7.14 14.85
C SER A 399 4.39 6.47 13.54
N LEU A 400 5.20 5.55 13.06
CA LEU A 400 4.90 4.76 11.86
C LEU A 400 3.60 3.97 12.01
N ASP A 401 3.45 3.28 13.14
CA ASP A 401 2.28 2.46 13.43
C ASP A 401 1.00 3.29 13.51
N GLU A 402 1.12 4.49 14.06
CA GLU A 402 0.00 5.40 14.24
C GLU A 402 -0.52 5.91 12.90
N MET A 403 0.40 6.31 12.02
CA MET A 403 0.04 6.76 10.69
C MET A 403 -0.51 5.63 9.84
N ASP A 404 0.08 4.44 9.99
CA ASP A 404 -0.34 3.26 9.25
C ASP A 404 -1.74 2.80 9.68
N PHE A 405 -2.05 2.99 10.96
CA PHE A 405 -3.40 2.68 11.44
C PHE A 405 -4.44 3.70 10.99
N TRP A 406 -4.22 4.98 11.33
CA TRP A 406 -5.23 6.02 11.07
C TRP A 406 -5.47 6.30 9.59
N ALA A 407 -4.41 6.29 8.78
CA ALA A 407 -4.56 6.54 7.35
C ALA A 407 -4.63 5.25 6.53
N GLY A 408 -3.65 4.37 6.72
CA GLY A 408 -3.51 3.19 5.89
C GLY A 408 -4.30 1.95 6.28
N THR A 409 -5.06 2.03 7.38
CA THR A 409 -5.86 0.89 7.83
C THR A 409 -7.34 1.26 8.06
N ILE A 410 -7.62 2.03 9.11
CA ILE A 410 -8.99 2.47 9.38
C ILE A 410 -9.46 3.53 8.37
N GLY A 411 -8.57 4.46 8.04
CA GLY A 411 -8.88 5.53 7.10
C GLY A 411 -9.32 5.07 5.73
N VAL A 412 -8.63 4.06 5.19
CA VAL A 412 -8.93 3.57 3.84
C VAL A 412 -10.26 2.82 3.73
N VAL A 413 -10.60 2.05 4.76
CA VAL A 413 -11.89 1.35 4.83
C VAL A 413 -13.04 2.35 4.95
N PHE A 414 -12.89 3.30 5.87
CA PHE A 414 -13.83 4.41 6.02
C PHE A 414 -14.02 5.15 4.69
N PHE A 415 -12.91 5.43 4.01
CA PHE A 415 -12.96 6.20 2.77
C PHE A 415 -13.54 5.39 1.60
N GLY A 416 -13.31 4.08 1.61
CA GLY A 416 -13.94 3.18 0.65
C GLY A 416 -15.46 3.21 0.75
N LEU A 417 -15.97 3.11 1.98
CA LEU A 417 -17.41 3.22 2.23
C LEU A 417 -17.96 4.58 1.80
N THR A 418 -17.24 5.65 2.16
CA THR A 418 -17.62 7.02 1.79
C THR A 418 -17.75 7.22 0.28
N GLU A 419 -16.75 6.78 -0.47
CA GLU A 419 -16.75 6.94 -1.92
C GLU A 419 -17.81 6.06 -2.60
N LEU A 420 -18.09 4.90 -2.00
CA LEU A 420 -19.14 4.03 -2.50
C LEU A 420 -20.53 4.65 -2.29
N ILE A 421 -20.75 5.21 -1.10
CA ILE A 421 -22.00 5.91 -0.77
C ILE A 421 -22.21 7.14 -1.66
N ILE A 422 -21.19 7.96 -1.84
CA ILE A 422 -21.30 9.16 -2.68
C ILE A 422 -21.62 8.80 -4.13
N PHE A 423 -20.88 7.83 -4.68
CA PHE A 423 -21.01 7.43 -6.07
C PHE A 423 -22.30 6.64 -6.36
N PHE A 424 -22.63 5.70 -5.48
CA PHE A 424 -23.77 4.81 -5.71
C PHE A 424 -25.09 5.20 -5.05
N TRP A 425 -25.04 5.98 -3.97
CA TRP A 425 -26.25 6.34 -3.23
C TRP A 425 -26.66 7.80 -3.45
N ILE A 426 -25.68 8.69 -3.57
CA ILE A 426 -25.99 10.12 -3.73
C ILE A 426 -25.99 10.55 -5.20
N PHE A 427 -24.92 10.22 -5.92
CA PHE A 427 -24.82 10.52 -7.35
C PHE A 427 -25.90 9.76 -8.15
N GLY A 428 -26.18 8.52 -7.73
CA GLY A 428 -27.23 7.70 -8.33
C GLY A 428 -26.70 6.38 -8.82
N ALA A 429 -27.25 5.28 -8.30
CA ALA A 429 -26.80 3.92 -8.65
C ALA A 429 -26.79 3.65 -10.14
N ASP A 430 -27.87 4.04 -10.83
CA ASP A 430 -28.02 3.83 -12.27
C ASP A 430 -27.02 4.67 -13.07
N LYS A 431 -26.82 5.92 -12.63
CA LYS A 431 -25.82 6.80 -13.25
C LYS A 431 -24.41 6.27 -13.03
N ALA A 432 -24.15 5.77 -11.82
CA ALA A 432 -22.87 5.17 -11.46
C ALA A 432 -22.56 3.94 -12.31
N TRP A 433 -23.53 3.04 -12.42
CA TRP A 433 -23.43 1.82 -13.22
C TRP A 433 -23.11 2.11 -14.69
N GLU A 434 -23.88 3.03 -15.27
CA GLU A 434 -23.66 3.50 -16.64
C GLU A 434 -22.23 4.02 -16.82
N GLU A 435 -21.78 4.85 -15.88
CA GLU A 435 -20.44 5.44 -15.93
C GLU A 435 -19.33 4.39 -15.82
N ILE A 436 -19.55 3.35 -15.03
CA ILE A 436 -18.61 2.23 -14.95
C ILE A 436 -18.50 1.50 -16.30
N ASN A 437 -19.65 1.10 -16.84
CA ASN A 437 -19.70 0.27 -18.05
C ASN A 437 -19.44 1.01 -19.35
N ARG A 438 -19.59 2.33 -19.33
CA ARG A 438 -19.42 3.16 -20.53
C ARG A 438 -18.04 3.00 -21.17
N GLY A 439 -18.02 2.46 -22.38
CA GLY A 439 -16.79 2.29 -23.15
C GLY A 439 -16.03 1.00 -22.87
N GLY A 440 -16.59 0.16 -21.99
CA GLY A 440 -15.94 -1.09 -21.60
C GLY A 440 -15.83 -2.12 -22.71
N ILE A 441 -14.71 -2.83 -22.73
CA ILE A 441 -14.49 -3.92 -23.68
C ILE A 441 -15.40 -5.11 -23.34
N ILE A 442 -15.55 -5.34 -22.04
CA ILE A 442 -16.57 -6.25 -21.52
C ILE A 442 -17.45 -5.44 -20.57
N LYS A 443 -18.61 -5.98 -20.22
CA LYS A 443 -19.45 -5.34 -19.23
C LYS A 443 -19.33 -6.02 -17.89
N VAL A 444 -19.52 -5.27 -16.82
CA VAL A 444 -19.55 -5.80 -15.46
C VAL A 444 -20.80 -6.67 -15.32
N PRO A 445 -20.65 -7.90 -14.78
CA PRO A 445 -21.79 -8.78 -14.54
C PRO A 445 -22.90 -8.07 -13.77
N ARG A 446 -24.15 -8.31 -14.15
CA ARG A 446 -25.31 -7.62 -13.60
C ARG A 446 -25.45 -7.83 -12.08
N ILE A 447 -24.95 -8.96 -11.59
CA ILE A 447 -24.96 -9.28 -10.15
C ILE A 447 -24.20 -8.23 -9.32
N TYR A 448 -23.15 -7.66 -9.89
CA TYR A 448 -22.31 -6.70 -9.18
C TYR A 448 -22.97 -5.36 -8.87
N TYR A 449 -24.03 -5.01 -9.60
CA TYR A 449 -24.85 -3.85 -9.26
C TYR A 449 -25.39 -3.98 -7.84
N TYR A 450 -25.97 -5.15 -7.55
CA TYR A 450 -26.59 -5.43 -6.26
C TYR A 450 -25.57 -5.55 -5.14
N VAL A 451 -24.38 -6.05 -5.50
CA VAL A 451 -23.24 -6.12 -4.57
C VAL A 451 -22.78 -4.70 -4.20
N MET A 452 -22.51 -3.88 -5.22
CA MET A 452 -22.07 -2.50 -5.03
C MET A 452 -23.05 -1.63 -4.26
N ARG A 453 -24.34 -1.91 -4.40
CA ARG A 453 -25.37 -1.06 -3.80
C ARG A 453 -25.89 -1.53 -2.45
N TYR A 454 -25.85 -2.84 -2.19
CA TYR A 454 -26.44 -3.39 -0.95
C TYR A 454 -25.48 -4.22 -0.11
N ILE A 455 -24.75 -5.12 -0.76
CA ILE A 455 -23.85 -6.04 -0.05
C ILE A 455 -22.59 -5.34 0.48
N THR A 456 -21.83 -4.73 -0.43
CA THR A 456 -20.56 -4.07 -0.08
C THR A 456 -20.72 -2.97 0.98
N PRO A 457 -21.67 -2.03 0.81
CA PRO A 457 -21.84 -0.99 1.82
C PRO A 457 -22.30 -1.50 3.20
N ALA A 458 -23.18 -2.49 3.23
CA ALA A 458 -23.64 -3.07 4.50
C ALA A 458 -22.52 -3.81 5.20
N PHE A 459 -21.71 -4.52 4.41
CA PHE A 459 -20.57 -5.28 4.93
C PHE A 459 -19.50 -4.37 5.55
N LEU A 460 -19.17 -3.28 4.85
CA LEU A 460 -18.18 -2.33 5.34
C LEU A 460 -18.67 -1.55 6.56
N ALA A 461 -19.95 -1.20 6.57
CA ALA A 461 -20.57 -0.48 7.68
C ALA A 461 -20.56 -1.33 8.95
N VAL A 462 -20.93 -2.61 8.80
CA VAL A 462 -20.91 -3.56 9.92
C VAL A 462 -19.48 -3.74 10.45
N LEU A 463 -18.54 -3.90 9.52
CA LEU A 463 -17.13 -4.10 9.85
C LEU A 463 -16.55 -2.91 10.62
N LEU A 464 -16.89 -1.70 10.19
CA LEU A 464 -16.41 -0.47 10.84
C LEU A 464 -17.01 -0.24 12.22
N VAL A 465 -18.23 -0.70 12.45
CA VAL A 465 -18.89 -0.56 13.76
C VAL A 465 -18.28 -1.51 14.79
N VAL A 466 -18.06 -2.76 14.41
CA VAL A 466 -17.36 -3.73 15.25
C VAL A 466 -15.93 -3.25 15.56
N TRP A 467 -15.26 -2.75 14.52
CA TRP A 467 -13.90 -2.21 14.63
C TRP A 467 -13.80 -1.09 15.66
N ALA A 468 -14.72 -0.13 15.59
CA ALA A 468 -14.69 1.06 16.44
C ALA A 468 -15.16 0.82 17.88
N ARG A 469 -15.70 -0.36 18.15
CA ARG A 469 -16.21 -0.69 19.48
C ARG A 469 -15.38 -1.73 20.21
N GLU A 470 -14.70 -2.60 19.46
CA GLU A 470 -13.95 -3.70 20.03
C GLU A 470 -12.44 -3.52 19.93
N TYR A 471 -11.98 -2.65 19.02
CA TYR A 471 -10.54 -2.56 18.73
C TYR A 471 -9.92 -1.17 18.90
N ILE A 472 -10.64 -0.12 18.53
CA ILE A 472 -10.09 1.24 18.67
C ILE A 472 -9.96 1.75 20.11
N PRO A 473 -10.83 1.29 21.04
CA PRO A 473 -10.60 1.70 22.44
C PRO A 473 -9.22 1.35 22.97
N LYS A 474 -8.72 0.15 22.64
CA LYS A 474 -7.39 -0.32 23.07
C LYS A 474 -6.27 0.61 22.56
N ILE A 475 -6.34 0.98 21.28
CA ILE A 475 -5.33 1.79 20.63
C ILE A 475 -5.39 3.26 21.11
N MET A 476 -6.60 3.75 21.32
CA MET A 476 -6.82 5.12 21.84
C MET A 476 -6.33 5.29 23.28
N GLU A 477 -6.41 4.23 24.08
CA GLU A 477 -6.19 4.33 25.52
C GLU A 477 -4.90 3.66 26.01
N GLU A 478 -4.60 2.46 25.50
CA GLU A 478 -3.48 1.65 26.02
C GLU A 478 -2.15 1.80 25.26
N THR A 479 -1.96 2.94 24.62
CA THR A 479 -0.68 3.22 23.94
C THR A 479 0.12 4.29 24.70
N HIS A 480 1.39 4.40 24.36
CA HIS A 480 2.29 5.40 24.94
C HIS A 480 1.84 6.81 24.57
N TRP A 481 2.11 7.79 25.45
CA TRP A 481 1.66 9.17 25.24
C TRP A 481 2.18 9.82 23.95
N THR A 482 3.31 9.34 23.45
CA THR A 482 3.93 9.91 22.24
C THR A 482 3.10 9.75 20.96
N VAL A 483 2.09 8.87 20.98
CA VAL A 483 1.17 8.73 19.85
C VAL A 483 0.39 10.02 19.55
N TRP A 484 0.22 10.86 20.59
CA TRP A 484 -0.49 12.13 20.47
C TRP A 484 0.27 13.19 19.71
N ILE A 485 1.60 13.08 19.69
CA ILE A 485 2.42 13.93 18.85
C ILE A 485 2.06 13.65 17.39
N THR A 486 2.06 12.37 17.03
CA THR A 486 1.73 11.93 15.68
C THR A 486 0.29 12.27 15.31
N ARG A 487 -0.65 11.99 16.22
CA ARG A 487 -2.05 12.32 16.01
C ARG A 487 -2.23 13.82 15.79
N PHE A 488 -1.66 14.62 16.68
CA PHE A 488 -1.66 16.07 16.55
C PHE A 488 -1.15 16.50 15.16
N TYR A 489 0.02 16.01 14.77
CA TYR A 489 0.60 16.40 13.48
C TYR A 489 -0.26 16.02 12.28
N ILE A 490 -0.79 14.79 12.26
CA ILE A 490 -1.62 14.36 11.13
C ILE A 490 -2.99 15.03 11.10
N ILE A 491 -3.54 15.38 12.26
CA ILE A 491 -4.73 16.22 12.32
C ILE A 491 -4.41 17.61 11.74
N GLY A 492 -3.22 18.12 12.05
CA GLY A 492 -2.73 19.37 11.46
C GLY A 492 -2.63 19.32 9.95
N LEU A 493 -2.16 18.20 9.41
CA LEU A 493 -2.07 17.99 7.96
C LEU A 493 -3.44 18.03 7.29
N PHE A 494 -4.44 17.47 7.97
CA PHE A 494 -5.82 17.50 7.49
C PHE A 494 -6.34 18.93 7.39
N LEU A 495 -6.12 19.73 8.44
CA LEU A 495 -6.56 21.12 8.47
C LEU A 495 -5.87 21.96 7.39
N PHE A 496 -4.57 21.71 7.22
CA PHE A 496 -3.79 22.35 6.16
C PHE A 496 -4.35 22.02 4.76
N LEU A 497 -4.73 20.76 4.56
CA LEU A 497 -5.29 20.34 3.28
C LEU A 497 -6.70 20.89 3.08
N THR A 498 -7.47 20.95 4.17
CA THR A 498 -8.78 21.59 4.18
C THR A 498 -8.64 23.05 3.77
N PHE A 499 -7.57 23.69 4.24
CA PHE A 499 -7.30 25.09 3.95
C PHE A 499 -6.96 25.31 2.47
N LEU A 500 -6.19 24.39 1.90
CA LEU A 500 -5.83 24.47 0.48
C LEU A 500 -7.05 24.32 -0.44
N VAL A 501 -8.00 23.49 -0.02
CA VAL A 501 -9.25 23.30 -0.77
C VAL A 501 -10.06 24.61 -0.73
N PHE A 502 -10.12 25.23 0.43
CA PHE A 502 -10.74 26.53 0.62
C PHE A 502 -10.12 27.60 -0.29
N LEU A 503 -8.79 27.58 -0.41
CA LEU A 503 -8.09 28.52 -1.29
C LEU A 503 -8.32 28.20 -2.77
N ALA A 504 -8.50 26.92 -3.08
CA ALA A 504 -8.71 26.46 -4.45
C ALA A 504 -10.02 26.97 -5.04
N GLU A 505 -11.08 26.96 -4.23
CA GLU A 505 -12.38 27.47 -4.67
C GLU A 505 -12.40 29.00 -4.75
N ARG A 506 -11.67 29.66 -3.84
CA ARG A 506 -11.50 31.11 -3.88
C ARG A 506 -10.75 31.58 -5.13
N ARG A 507 -9.72 30.82 -5.51
CA ARG A 507 -8.91 31.11 -6.70
C ARG A 507 -9.71 30.91 -7.98
N ARG A 508 -10.64 29.95 -7.93
CA ARG A 508 -11.52 29.64 -9.05
C ARG A 508 -12.49 30.79 -9.35
N ASN A 509 -12.91 31.49 -8.28
CA ASN A 509 -13.80 32.64 -8.41
C ASN A 509 -13.09 33.91 -8.87
N HIS A 510 -11.83 34.07 -8.44
CA HIS A 510 -11.01 35.22 -8.82
C HIS A 510 -10.11 34.89 -10.03
NA NA B . -0.50 -4.79 -3.48
NA NA C . 4.51 -0.82 -6.56
N LEU D . -0.95 -1.16 -2.81
CA LEU D . 0.40 -0.82 -2.24
C LEU D . 1.10 -2.04 -1.63
O LEU D . 2.24 -1.94 -1.18
CB LEU D . 0.28 0.28 -1.18
CG LEU D . -0.40 1.61 -1.55
CD1 LEU D . -0.38 2.53 -0.34
CD2 LEU D . 0.25 2.28 -2.75
OXT LEU D . 0.54 -3.13 -1.58
F15 SFX E . 5.62 -2.38 3.96
C12 SFX E . 4.36 -2.02 4.12
F13 SFX E . 3.58 -2.86 3.46
F14 SFX E . 4.21 -0.80 3.63
C9 SFX E . 4.03 -2.05 5.58
C8 SFX E . 3.69 -0.87 6.25
C7 SFX E . 3.38 -0.90 7.60
C6 SFX E . 3.41 -2.11 8.30
C11 SFX E . 3.76 -3.29 7.63
C10 SFX E . 4.07 -3.27 6.28
O5 SFX E . 3.10 -2.09 9.63
C3 SFX E . 2.98 -3.26 10.44
C2 SFX E . 3.13 -2.88 11.91
C1 SFX E . 4.38 -2.02 12.10
N4 SFX E . 5.09 -2.28 13.35
C22 SFX E . 6.30 -3.08 13.36
C16 SFX E . 1.69 -3.96 10.17
C17 SFX E . 1.69 -5.34 9.95
C18 SFX E . 0.49 -6.01 9.69
C19 SFX E . -0.72 -5.31 9.63
C20 SFX E . -0.72 -3.93 9.86
C21 SFX E . 0.48 -3.26 10.11
#